data_4QO1
#
_entry.id   4QO1
#
_cell.length_a   46.360
_cell.length_b   68.280
_cell.length_c   109.960
_cell.angle_alpha   90.00
_cell.angle_beta   90.00
_cell.angle_gamma   90.00
#
_symmetry.space_group_name_H-M   'P 21 21 21'
#
loop_
_entity.id
_entity.type
_entity.pdbx_description
1 polymer 'Nb139 Nanobody against the DNA-binding domain of p53'
2 polymer 'Cellular tumor antigen p53'
3 non-polymer 'ZINC ION'
4 water water
#
loop_
_entity_poly.entity_id
_entity_poly.type
_entity_poly.pdbx_seq_one_letter_code
_entity_poly.pdbx_strand_id
1 'polypeptide(L)'
;AQVQLQESGGGLVQAGGSLRLSCAASERTFSTYAMGWFRQAPGREREFLAQINWSGTTTYYAESVKDRTTISRDNAKNTV
YLEMNNLNADDTGIYFCAAHPQRGWGSTLGWTYWGQGTQVTVSSGGGGSGGGKPIPNPLLGLDSTRTGHHHHHH
;
A
2 'polypeptide(L)'
;PLSSSVPSQKTYQGSYGFRLGFLHSGTAKSVTCTYSPALNKMFCQLAKTCPVQLWVDSTPPPGTRVRAMAIYKQSQHMTE
VVRRCPHHERCSDSDGLAPPQHLIRVEGNLRVEYLDDRNTFRHSVVVPYEPPEVGSDCTTIHYNYMCNSSCMGGMNRRPI
LTIITLEDSSGNLLGRNSFEVRVCACPGRDRRTEEENLRKKGEPHHELPPGSTKRALPNNTHHHHHH
;
B
#
loop_
_chem_comp.id
_chem_comp.type
_chem_comp.name
_chem_comp.formula
ZN non-polymer 'ZINC ION' 'Zn 2'
#
# COMPACT_ATOMS: atom_id res chain seq x y z
N VAL A 3 -4.75 17.41 5.82
CA VAL A 3 -4.38 18.82 5.96
C VAL A 3 -5.28 19.57 6.98
N GLN A 4 -6.59 19.39 6.88
CA GLN A 4 -7.50 19.97 7.87
C GLN A 4 -8.32 18.86 8.52
N LEU A 5 -7.89 18.43 9.71
CA LEU A 5 -8.46 17.25 10.36
C LEU A 5 -9.61 17.59 11.29
N GLN A 6 -10.68 16.80 11.22
CA GLN A 6 -11.84 16.96 12.08
C GLN A 6 -12.18 15.62 12.75
N GLU A 7 -12.25 15.61 14.08
CA GLU A 7 -12.66 14.44 14.84
C GLU A 7 -14.15 14.47 15.17
N SER A 8 -14.76 13.30 15.28
CA SER A 8 -16.14 13.21 15.73
C SER A 8 -16.35 11.95 16.56
N GLY A 9 -17.48 11.87 17.24
CA GLY A 9 -17.83 10.69 17.99
C GLY A 9 -17.64 10.81 19.49
N GLY A 10 -17.19 11.98 19.93
CA GLY A 10 -16.94 12.20 21.36
C GLY A 10 -18.22 12.34 22.15
N GLY A 11 -18.10 12.51 23.46
CA GLY A 11 -19.26 12.72 24.32
C GLY A 11 -19.32 11.73 25.46
N LEU A 12 -20.48 11.62 26.11
CA LEU A 12 -20.63 10.73 27.26
C LEU A 12 -20.62 9.27 26.81
N VAL A 13 -19.92 8.43 27.57
CA VAL A 13 -19.86 6.99 27.31
C VAL A 13 -20.03 6.24 28.63
N GLN A 14 -20.96 5.29 28.66
CA GLN A 14 -21.21 4.49 29.84
C GLN A 14 -19.98 3.65 30.17
N ALA A 15 -19.65 3.56 31.46
CA ALA A 15 -18.57 2.68 31.89
C ALA A 15 -18.83 1.27 31.39
N GLY A 16 -17.79 0.62 30.89
CA GLY A 16 -17.93 -0.71 30.31
C GLY A 16 -18.37 -0.67 28.86
N GLY A 17 -18.77 0.50 28.38
CA GLY A 17 -19.21 0.66 27.00
C GLY A 17 -18.01 0.85 26.09
N SER A 18 -18.26 1.22 24.84
CA SER A 18 -17.14 1.42 23.93
C SER A 18 -17.20 2.78 23.26
N LEU A 19 -16.04 3.28 22.85
CA LEU A 19 -15.98 4.54 22.13
C LEU A 19 -15.72 4.26 20.65
N ARG A 20 -16.33 5.06 19.80
CA ARG A 20 -16.18 4.92 18.36
C ARG A 20 -15.97 6.32 17.80
N LEU A 21 -14.72 6.64 17.49
CA LEU A 21 -14.39 7.96 16.98
C LEU A 21 -14.03 7.86 15.52
N SER A 22 -14.14 8.98 14.84
CA SER A 22 -13.61 9.05 13.49
C SER A 22 -12.98 10.41 13.22
N CYS A 23 -12.12 10.41 12.21
CA CYS A 23 -11.41 11.59 11.79
C CYS A 23 -11.34 11.62 10.27
N ALA A 24 -11.63 12.77 9.68
CA ALA A 24 -11.62 12.89 8.23
C ALA A 24 -10.94 14.18 7.81
N ALA A 25 -10.31 14.18 6.64
CA ALA A 25 -9.75 15.40 6.06
C ALA A 25 -10.42 15.71 4.72
N SER A 26 -10.43 17.00 4.40
CA SER A 26 -11.17 17.52 3.26
C SER A 26 -10.51 17.25 1.92
N GLU A 27 -9.24 16.86 1.93
CA GLU A 27 -8.43 16.88 0.71
C GLU A 27 -7.84 15.52 0.31
N ARG A 28 -7.71 15.35 -1.00
CA ARG A 28 -7.31 14.08 -1.61
C ARG A 28 -5.95 13.59 -1.14
N THR A 29 -5.17 14.48 -0.53
CA THR A 29 -3.87 14.10 0.00
C THR A 29 -3.97 13.22 1.26
N PHE A 30 -5.16 13.13 1.85
CA PHE A 30 -5.43 12.29 3.02
C PHE A 30 -4.97 10.84 2.80
N SER A 31 -5.30 10.32 1.63
CA SER A 31 -5.09 8.93 1.29
C SER A 31 -3.62 8.58 1.09
N THR A 32 -2.72 9.56 1.20
CA THR A 32 -1.28 9.27 1.09
C THR A 32 -0.59 9.35 2.45
N TYR A 33 -1.37 9.67 3.47
CA TYR A 33 -0.83 9.92 4.82
C TYR A 33 -1.15 8.79 5.77
N ALA A 34 -0.14 8.33 6.52
CA ALA A 34 -0.42 7.54 7.72
C ALA A 34 -1.19 8.41 8.71
N MET A 35 -2.05 7.79 9.51
CA MET A 35 -2.82 8.49 10.53
C MET A 35 -2.53 7.91 11.92
N GLY A 36 -2.84 8.70 12.94
CA GLY A 36 -2.62 8.27 14.32
C GLY A 36 -3.70 8.83 15.22
N TRP A 37 -3.96 8.12 16.32
CA TRP A 37 -4.86 8.58 17.37
C TRP A 37 -4.10 8.72 18.70
N PHE A 38 -4.41 9.80 19.41
CA PHE A 38 -3.77 10.13 20.68
C PHE A 38 -4.84 10.53 21.66
N ARG A 39 -4.50 10.58 22.94
CA ARG A 39 -5.41 11.12 23.92
C ARG A 39 -4.64 11.81 25.02
N GLN A 40 -5.29 12.76 25.67
CA GLN A 40 -4.67 13.49 26.73
C GLN A 40 -5.65 13.67 27.87
N ALA A 41 -5.35 13.06 29.01
CA ALA A 41 -6.15 13.24 30.21
C ALA A 41 -5.69 14.51 30.91
N PRO A 42 -6.60 15.16 31.66
CA PRO A 42 -6.19 16.36 32.42
C PRO A 42 -5.04 16.05 33.37
N GLY A 43 -4.01 16.89 33.34
CA GLY A 43 -2.84 16.71 34.18
C GLY A 43 -1.73 15.88 33.56
N ARG A 44 -2.11 14.83 32.83
CA ARG A 44 -1.12 13.93 32.25
C ARG A 44 -0.71 14.39 30.84
N GLU A 45 0.42 13.88 30.36
CA GLU A 45 0.92 14.26 29.04
C GLU A 45 0.18 13.52 27.92
N ARG A 46 0.24 14.05 26.71
CA ARG A 46 -0.45 13.44 25.59
C ARG A 46 0.10 12.03 25.31
N GLU A 47 -0.79 11.10 25.00
CA GLU A 47 -0.43 9.69 24.94
C GLU A 47 -0.74 9.07 23.57
N PHE A 48 0.21 8.32 23.01
CA PHE A 48 0.00 7.61 21.74
C PHE A 48 -0.92 6.40 21.89
N LEU A 49 -1.88 6.25 20.98
CA LEU A 49 -2.81 5.14 21.06
C LEU A 49 -2.66 4.15 19.89
N ALA A 50 -2.63 4.67 18.66
CA ALA A 50 -2.61 3.79 17.49
C ALA A 50 -2.18 4.52 16.24
N GLN A 51 -1.51 3.80 15.34
CA GLN A 51 -1.08 4.35 14.05
C GLN A 51 -1.52 3.39 12.93
N ILE A 52 -1.80 3.94 11.76
CA ILE A 52 -2.22 3.13 10.63
C ILE A 52 -1.57 3.73 9.39
N ASN A 53 -1.10 2.89 8.50
CA ASN A 53 -0.38 3.42 7.35
C ASN A 53 -1.37 3.96 6.32
N TRP A 54 -0.86 4.55 5.24
CA TRP A 54 -1.68 5.20 4.22
C TRP A 54 -2.77 4.29 3.65
N SER A 55 -2.47 3.02 3.41
CA SER A 55 -3.43 2.11 2.78
C SER A 55 -4.36 1.40 3.77
N GLY A 56 -4.03 1.47 5.06
CA GLY A 56 -4.80 0.76 6.06
C GLY A 56 -4.38 -0.68 6.28
N THR A 57 -3.37 -1.16 5.56
CA THR A 57 -2.97 -2.56 5.67
C THR A 57 -2.13 -2.83 6.92
N THR A 58 -1.52 -1.79 7.46
CA THR A 58 -0.54 -1.92 8.53
C THR A 58 -0.92 -1.07 9.74
N THR A 59 -0.96 -1.67 10.92
CA THR A 59 -1.34 -0.93 12.12
C THR A 59 -0.37 -1.18 13.26
N TYR A 60 -0.47 -0.35 14.29
CA TYR A 60 0.37 -0.46 15.47
C TYR A 60 -0.33 0.18 16.67
N TYR A 61 -0.34 -0.52 17.80
CA TYR A 61 -1.06 -0.08 18.99
C TYR A 61 -0.11 0.08 20.17
N ALA A 62 -0.43 1.03 21.04
CA ALA A 62 0.27 1.13 22.32
C ALA A 62 -0.08 -0.13 23.12
N GLU A 63 0.89 -0.70 23.83
CA GLU A 63 0.66 -1.94 24.58
C GLU A 63 -0.48 -1.82 25.60
N SER A 64 -0.62 -0.65 26.21
CA SER A 64 -1.58 -0.44 27.28
C SER A 64 -3.05 -0.53 26.82
N VAL A 65 -3.28 -0.21 25.54
CA VAL A 65 -4.64 -0.20 25.01
C VAL A 65 -4.85 -1.26 23.92
N LYS A 66 -3.79 -1.96 23.56
CA LYS A 66 -3.79 -2.83 22.38
C LYS A 66 -4.91 -3.87 22.38
N ASP A 67 -5.14 -4.49 23.53
CA ASP A 67 -6.08 -5.60 23.65
C ASP A 67 -7.52 -5.23 23.31
N ARG A 68 -7.87 -3.96 23.46
CA ARG A 68 -9.27 -3.56 23.29
C ARG A 68 -9.42 -2.36 22.36
N THR A 69 -8.42 -2.14 21.52
CA THR A 69 -8.44 -1.02 20.58
C THR A 69 -8.31 -1.51 19.14
N THR A 70 -9.09 -0.90 18.23
CA THR A 70 -8.95 -1.14 16.80
C THR A 70 -8.86 0.19 16.05
N ILE A 71 -7.86 0.31 15.17
CA ILE A 71 -7.78 1.47 14.29
C ILE A 71 -7.99 0.99 12.84
N SER A 72 -8.80 1.71 12.08
CA SER A 72 -9.04 1.31 10.69
C SER A 72 -9.27 2.54 9.83
N ARG A 73 -9.32 2.37 8.52
CA ARG A 73 -9.63 3.51 7.69
C ARG A 73 -10.39 3.12 6.44
N ASP A 74 -11.01 4.12 5.83
CA ASP A 74 -11.66 3.96 4.55
C ASP A 74 -11.20 5.08 3.64
N ASN A 75 -10.30 4.77 2.71
CA ASN A 75 -9.72 5.85 1.92
C ASN A 75 -10.71 6.40 0.91
N ALA A 76 -11.71 5.60 0.55
CA ALA A 76 -12.76 6.07 -0.34
C ALA A 76 -13.46 7.27 0.30
N LYS A 77 -13.63 7.22 1.62
CA LYS A 77 -14.34 8.27 2.34
C LYS A 77 -13.39 9.23 3.07
N ASN A 78 -12.08 9.06 2.86
CA ASN A 78 -11.04 9.84 3.54
C ASN A 78 -11.23 9.92 5.07
N THR A 79 -11.47 8.76 5.69
CA THR A 79 -11.79 8.71 7.11
C THR A 79 -11.04 7.59 7.83
N VAL A 80 -10.50 7.90 9.01
CA VAL A 80 -9.87 6.91 9.87
C VAL A 80 -10.74 6.77 11.13
N TYR A 81 -10.81 5.56 11.66
CA TYR A 81 -11.70 5.24 12.76
C TYR A 81 -10.91 4.71 13.95
N LEU A 82 -11.36 5.03 15.16
CA LEU A 82 -10.80 4.46 16.38
C LEU A 82 -11.91 3.82 17.19
N GLU A 83 -11.73 2.55 17.53
CA GLU A 83 -12.68 1.87 18.40
C GLU A 83 -11.92 1.40 19.62
N MET A 84 -12.46 1.70 20.80
CA MET A 84 -11.89 1.20 22.03
C MET A 84 -13.00 0.67 22.93
N ASN A 85 -12.81 -0.53 23.45
CA ASN A 85 -13.86 -1.23 24.18
C ASN A 85 -13.62 -1.23 25.68
N ASN A 86 -14.68 -1.56 26.43
CA ASN A 86 -14.57 -1.80 27.85
C ASN A 86 -13.93 -0.62 28.57
N LEU A 87 -14.54 0.56 28.42
CA LEU A 87 -13.98 1.80 28.92
C LEU A 87 -14.07 1.93 30.43
N ASN A 88 -13.10 2.64 31.02
CA ASN A 88 -13.11 2.95 32.45
C ASN A 88 -12.78 4.42 32.66
N ALA A 89 -12.68 4.84 33.92
CA ALA A 89 -12.48 6.24 34.26
C ALA A 89 -11.21 6.82 33.65
N ASP A 90 -10.17 5.99 33.57
CA ASP A 90 -8.89 6.43 33.04
C ASP A 90 -8.91 6.55 31.53
N ASP A 91 -10.04 6.24 30.90
CA ASP A 91 -10.15 6.41 29.46
C ASP A 91 -10.73 7.78 29.12
N THR A 92 -11.11 8.53 30.15
CA THR A 92 -11.62 9.89 29.98
C THR A 92 -10.53 10.84 29.55
N GLY A 93 -10.79 11.63 28.52
CA GLY A 93 -9.83 12.63 28.08
C GLY A 93 -10.20 13.20 26.74
N ILE A 94 -9.26 13.97 26.19
CA ILE A 94 -9.42 14.58 24.89
C ILE A 94 -8.70 13.72 23.88
N TYR A 95 -9.40 13.30 22.85
CA TYR A 95 -8.84 12.38 21.87
C TYR A 95 -8.46 13.13 20.59
N PHE A 96 -7.21 12.96 20.17
CA PHE A 96 -6.69 13.70 19.02
C PHE A 96 -6.40 12.78 17.85
N CYS A 97 -6.75 13.24 16.66
CA CYS A 97 -6.35 12.63 15.40
C CYS A 97 -5.15 13.39 14.85
N ALA A 98 -4.17 12.69 14.27
CA ALA A 98 -3.03 13.34 13.65
C ALA A 98 -2.66 12.67 12.33
N ALA A 99 -1.96 13.39 11.45
CA ALA A 99 -1.66 12.86 10.12
C ALA A 99 -0.25 13.21 9.68
N HIS A 100 0.29 12.34 8.85
CA HIS A 100 1.60 12.51 8.22
C HIS A 100 2.73 12.52 9.25
N PRO A 101 2.95 11.37 9.90
CA PRO A 101 4.04 11.26 10.86
C PRO A 101 5.38 11.22 10.12
N GLN A 102 6.39 11.85 10.69
CA GLN A 102 7.70 11.89 10.06
C GLN A 102 8.76 11.27 10.95
N ARG A 103 8.38 10.83 12.14
CA ARG A 103 9.35 10.25 13.06
C ARG A 103 9.04 8.80 13.42
N GLY A 104 8.60 8.04 12.42
CA GLY A 104 8.43 6.61 12.59
C GLY A 104 7.08 6.20 13.12
N TRP A 105 7.06 5.09 13.87
CA TRP A 105 5.82 4.50 14.35
C TRP A 105 5.64 4.64 15.85
N GLY A 106 4.53 5.21 16.27
CA GLY A 106 4.19 5.28 17.68
C GLY A 106 4.84 6.42 18.42
N SER A 107 5.21 7.48 17.71
CA SER A 107 5.81 8.64 18.34
C SER A 107 4.80 9.75 18.57
N THR A 108 5.09 10.63 19.53
CA THR A 108 4.21 11.77 19.79
C THR A 108 4.70 12.99 19.03
N LEU A 109 5.97 12.98 18.63
CA LEU A 109 6.52 14.08 17.87
C LEU A 109 6.62 13.73 16.39
N GLY A 110 6.69 14.75 15.54
CA GLY A 110 6.96 14.55 14.12
C GLY A 110 5.74 14.48 13.23
N TRP A 111 4.56 14.74 13.80
CA TRP A 111 3.31 14.70 13.03
C TRP A 111 3.02 16.04 12.39
N THR A 112 2.80 16.05 11.08
CA THR A 112 2.61 17.32 10.39
C THR A 112 1.28 18.00 10.73
N TYR A 113 0.20 17.23 10.75
CA TYR A 113 -1.12 17.81 10.96
C TYR A 113 -1.76 17.22 12.21
N TRP A 114 -2.51 18.07 12.93
CA TRP A 114 -3.22 17.67 14.14
C TRP A 114 -4.66 18.14 14.11
N GLY A 115 -5.56 17.31 14.64
CA GLY A 115 -6.94 17.74 14.85
C GLY A 115 -7.05 18.54 16.14
N GLN A 116 -8.19 19.17 16.35
CA GLN A 116 -8.39 19.99 17.54
C GLN A 116 -8.78 19.15 18.75
N GLY A 117 -9.12 17.89 18.50
CA GLY A 117 -9.43 16.95 19.57
C GLY A 117 -10.90 16.89 19.95
N THR A 118 -11.35 15.72 20.40
CA THR A 118 -12.73 15.56 20.83
C THR A 118 -12.80 14.98 22.24
N GLN A 119 -13.67 15.54 23.08
CA GLN A 119 -13.74 15.12 24.47
C GLN A 119 -14.52 13.82 24.59
N VAL A 120 -13.96 12.87 25.31
CA VAL A 120 -14.65 11.64 25.68
C VAL A 120 -14.76 11.56 27.20
N THR A 121 -15.97 11.38 27.71
CA THR A 121 -16.19 11.33 29.15
C THR A 121 -16.85 10.02 29.57
N VAL A 122 -16.11 9.19 30.28
CA VAL A 122 -16.67 7.96 30.81
C VAL A 122 -17.39 8.28 32.10
N SER A 123 -18.67 7.94 32.14
CA SER A 123 -19.53 8.30 33.26
C SER A 123 -20.42 7.13 33.64
N SER A 124 -20.76 7.06 34.93
CA SER A 124 -21.70 6.07 35.41
C SER A 124 -23.06 6.72 35.63
N GLY A 125 -23.15 8.02 35.33
CA GLY A 125 -24.38 8.76 35.58
C GLY A 125 -24.15 10.05 36.34
N GLY A 126 -25.25 10.69 36.76
CA GLY A 126 -25.16 11.95 37.46
C GLY A 126 -24.96 11.76 38.94
N GLY A 127 -25.19 12.82 39.71
CA GLY A 127 -25.01 12.78 41.14
C GLY A 127 -24.98 14.15 41.78
N GLY A 128 -24.46 14.22 43.00
CA GLY A 128 -24.42 15.46 43.76
C GLY A 128 -23.15 16.27 43.58
N SER A 129 -22.55 16.20 42.40
CA SER A 129 -21.40 17.03 42.06
C SER A 129 -21.11 16.99 40.57
N PRO B 1 -8.64 -15.84 -1.66
CA PRO B 1 -9.75 -15.91 -2.63
C PRO B 1 -10.25 -14.53 -3.05
N LEU B 2 -11.17 -13.96 -2.27
CA LEU B 2 -11.66 -12.60 -2.53
C LEU B 2 -11.18 -11.63 -1.45
N SER B 3 -10.75 -10.45 -1.88
CA SER B 3 -10.40 -9.38 -0.95
C SER B 3 -11.62 -8.48 -0.73
N SER B 4 -11.73 -7.90 0.46
CA SER B 4 -12.84 -7.01 0.76
C SER B 4 -12.52 -5.59 0.28
N SER B 5 -11.27 -5.35 -0.07
CA SER B 5 -10.86 -4.04 -0.56
C SER B 5 -10.08 -4.15 -1.86
N VAL B 6 -9.91 -3.00 -2.51
CA VAL B 6 -9.13 -2.91 -3.73
C VAL B 6 -8.13 -1.76 -3.57
N PRO B 7 -6.84 -2.04 -3.81
CA PRO B 7 -5.83 -0.98 -3.76
C PRO B 7 -6.12 0.10 -4.77
N SER B 8 -5.89 1.36 -4.41
CA SER B 8 -5.97 2.46 -5.37
C SER B 8 -4.96 2.30 -6.52
N GLN B 9 -5.37 2.70 -7.73
CA GLN B 9 -4.51 2.66 -8.91
C GLN B 9 -4.11 4.08 -9.34
N LYS B 10 -4.53 5.09 -8.59
CA LYS B 10 -4.33 6.49 -8.99
C LYS B 10 -2.84 6.85 -8.97
N THR B 11 -2.34 7.36 -10.10
CA THR B 11 -0.97 7.82 -10.20
C THR B 11 -0.72 8.94 -9.21
N TYR B 12 0.40 8.86 -8.50
CA TYR B 12 0.76 9.86 -7.52
C TYR B 12 2.27 10.10 -7.59
N GLN B 13 2.70 11.20 -8.20
CA GLN B 13 4.13 11.45 -8.33
C GLN B 13 4.73 11.95 -7.01
N GLY B 14 3.92 12.63 -6.21
CA GLY B 14 4.33 13.05 -4.88
C GLY B 14 5.43 14.09 -4.88
N SER B 15 6.05 14.28 -3.72
N SER B 15 6.04 14.30 -3.73
CA SER B 15 7.02 15.34 -3.50
CA SER B 15 7.01 15.39 -3.57
C SER B 15 8.39 15.06 -4.12
C SER B 15 8.41 15.06 -4.09
N TYR B 16 8.67 13.80 -4.41
CA TYR B 16 9.99 13.40 -4.93
C TYR B 16 9.97 13.20 -6.44
N GLY B 17 8.85 13.52 -7.08
CA GLY B 17 8.70 13.40 -8.52
C GLY B 17 8.87 11.97 -9.03
N PHE B 18 8.21 11.03 -8.36
CA PHE B 18 8.30 9.60 -8.68
C PHE B 18 7.63 9.22 -9.99
N ARG B 19 8.40 8.64 -10.91
CA ARG B 19 7.87 8.10 -12.16
C ARG B 19 8.47 6.73 -12.40
N LEU B 20 7.80 5.92 -13.23
CA LEU B 20 8.42 4.68 -13.71
C LEU B 20 9.02 4.89 -15.10
N GLY B 21 10.05 4.10 -15.41
CA GLY B 21 10.62 4.07 -16.75
C GLY B 21 10.86 2.64 -17.15
N PHE B 22 10.99 2.43 -18.45
CA PHE B 22 11.20 1.10 -18.98
C PHE B 22 12.22 1.18 -20.08
N LEU B 23 12.93 0.08 -20.33
CA LEU B 23 13.85 0.03 -21.45
C LEU B 23 13.08 0.21 -22.75
N HIS B 24 13.68 0.88 -23.73
CA HIS B 24 13.05 1.03 -25.04
C HIS B 24 13.57 -0.09 -25.92
N SER B 25 12.93 -1.25 -25.76
N SER B 25 12.96 -1.27 -25.76
CA SER B 25 13.50 -2.51 -26.23
CA SER B 25 13.57 -2.50 -26.28
C SER B 25 13.04 -2.95 -27.62
C SER B 25 13.05 -2.96 -27.64
N GLY B 26 11.99 -2.31 -28.13
CA GLY B 26 11.44 -2.68 -29.43
C GLY B 26 10.70 -4.01 -29.38
N THR B 27 10.37 -4.56 -30.55
CA THR B 27 9.52 -5.75 -30.58
C THR B 27 10.06 -6.92 -31.41
N ALA B 28 11.38 -7.07 -31.47
CA ALA B 28 11.98 -8.23 -32.15
C ALA B 28 11.63 -9.54 -31.42
N LYS B 29 11.76 -10.65 -32.12
CA LYS B 29 11.31 -11.95 -31.61
C LYS B 29 12.06 -12.36 -30.34
N SER B 30 13.31 -11.93 -30.22
CA SER B 30 14.12 -12.30 -29.06
C SER B 30 13.80 -11.51 -27.79
N VAL B 31 13.06 -10.42 -27.90
CA VAL B 31 12.83 -9.57 -26.75
C VAL B 31 11.94 -10.29 -25.71
N THR B 32 12.42 -10.35 -24.47
CA THR B 32 11.71 -11.09 -23.43
C THR B 32 10.87 -10.16 -22.58
N CYS B 33 11.10 -8.86 -22.71
CA CYS B 33 10.32 -7.85 -21.99
C CYS B 33 10.30 -6.56 -22.80
N THR B 34 9.10 -6.12 -23.17
CA THR B 34 8.96 -4.90 -23.94
C THR B 34 7.75 -4.10 -23.48
N TYR B 35 7.91 -2.78 -23.43
CA TYR B 35 6.89 -1.90 -22.89
C TYR B 35 6.28 -1.02 -23.97
N SER B 36 4.94 -0.98 -23.99
CA SER B 36 4.19 -0.10 -24.87
C SER B 36 3.83 1.21 -24.16
N PRO B 37 4.49 2.31 -24.52
CA PRO B 37 4.06 3.59 -23.93
C PRO B 37 2.61 3.94 -24.30
N ALA B 38 2.17 3.66 -25.52
CA ALA B 38 0.81 4.05 -25.93
C ALA B 38 -0.27 3.32 -25.14
N LEU B 39 0.00 2.06 -24.81
CA LEU B 39 -0.90 1.24 -24.03
C LEU B 39 -0.60 1.26 -22.53
N ASN B 40 0.52 1.88 -22.13
CA ASN B 40 1.06 1.76 -20.75
C ASN B 40 1.04 0.32 -20.29
N LYS B 41 1.66 -0.54 -21.09
CA LYS B 41 1.54 -1.98 -20.92
C LYS B 41 2.87 -2.69 -21.16
N MET B 42 3.29 -3.48 -20.19
CA MET B 42 4.46 -4.34 -20.36
C MET B 42 4.06 -5.71 -20.92
N PHE B 43 4.79 -6.17 -21.93
CA PHE B 43 4.61 -7.49 -22.51
C PHE B 43 5.86 -8.30 -22.17
N CYS B 44 5.73 -9.42 -21.48
CA CYS B 44 6.92 -10.14 -21.06
C CYS B 44 6.73 -11.64 -21.06
N GLN B 45 7.84 -12.38 -21.07
CA GLN B 45 7.80 -13.84 -21.05
C GLN B 45 7.83 -14.34 -19.61
N LEU B 46 7.19 -15.47 -19.38
CA LEU B 46 7.16 -16.11 -18.07
C LEU B 46 8.58 -16.30 -17.49
N ALA B 47 8.76 -15.89 -16.24
CA ALA B 47 10.00 -16.09 -15.47
C ALA B 47 11.24 -15.33 -16.00
N LYS B 48 11.10 -14.55 -17.06
CA LYS B 48 12.25 -13.79 -17.56
C LYS B 48 12.39 -12.44 -16.84
N THR B 49 13.56 -11.86 -16.96
CA THR B 49 13.86 -10.57 -16.34
C THR B 49 13.03 -9.42 -16.89
N CYS B 50 12.33 -8.69 -16.02
CA CYS B 50 11.60 -7.47 -16.45
C CYS B 50 12.15 -6.26 -15.72
N PRO B 51 13.01 -5.48 -16.39
CA PRO B 51 13.54 -4.29 -15.71
C PRO B 51 12.47 -3.20 -15.56
N VAL B 52 12.29 -2.73 -14.34
CA VAL B 52 11.44 -1.57 -14.08
C VAL B 52 12.30 -0.49 -13.44
N GLN B 53 12.24 0.72 -13.99
CA GLN B 53 13.10 1.81 -13.51
C GLN B 53 12.33 2.76 -12.62
N LEU B 54 12.94 3.09 -11.49
CA LEU B 54 12.42 4.13 -10.62
C LEU B 54 13.14 5.43 -10.88
N TRP B 55 12.37 6.46 -11.24
CA TRP B 55 12.90 7.81 -11.46
C TRP B 55 12.37 8.78 -10.41
N VAL B 56 13.27 9.48 -9.73
CA VAL B 56 12.87 10.52 -8.78
C VAL B 56 13.61 11.82 -9.06
N ASP B 57 13.00 12.94 -8.68
CA ASP B 57 13.63 14.24 -8.86
C ASP B 57 14.54 14.55 -7.67
N SER B 58 14.24 13.95 -6.53
CA SER B 58 15.08 14.12 -5.35
C SER B 58 15.09 12.83 -4.53
N THR B 59 16.14 12.65 -3.75
CA THR B 59 16.34 11.40 -3.00
C THR B 59 15.32 11.22 -1.88
N PRO B 60 14.61 10.09 -1.88
CA PRO B 60 13.70 9.73 -0.78
C PRO B 60 14.44 9.59 0.55
N PRO B 61 13.72 9.69 1.67
CA PRO B 61 14.36 9.57 2.99
C PRO B 61 14.92 8.18 3.22
N PRO B 62 15.82 8.04 4.21
CA PRO B 62 16.34 6.72 4.59
C PRO B 62 15.20 5.76 4.95
N GLY B 63 15.39 4.48 4.66
CA GLY B 63 14.43 3.47 5.04
C GLY B 63 13.21 3.39 4.13
N THR B 64 13.27 4.04 2.97
CA THR B 64 12.15 3.99 2.05
C THR B 64 12.10 2.59 1.40
N ARG B 65 10.89 2.10 1.13
N ARG B 65 10.89 2.10 1.13
CA ARG B 65 10.74 0.79 0.51
CA ARG B 65 10.74 0.79 0.51
C ARG B 65 9.88 0.86 -0.76
C ARG B 65 9.88 0.86 -0.76
N VAL B 66 10.06 -0.13 -1.63
CA VAL B 66 9.39 -0.20 -2.91
C VAL B 66 8.56 -1.46 -3.01
N ARG B 67 7.25 -1.32 -3.10
CA ARG B 67 6.34 -2.46 -3.11
C ARG B 67 5.72 -2.64 -4.49
N ALA B 68 5.61 -3.90 -4.92
CA ALA B 68 4.90 -4.24 -6.14
C ALA B 68 3.73 -5.15 -5.78
N MET B 69 2.59 -4.90 -6.42
CA MET B 69 1.37 -5.69 -6.18
C MET B 69 0.57 -5.78 -7.48
N ALA B 70 0.02 -6.96 -7.76
CA ALA B 70 -0.82 -7.12 -8.95
C ALA B 70 -2.28 -7.11 -8.59
N ILE B 71 -3.11 -6.47 -9.42
CA ILE B 71 -4.57 -6.61 -9.33
C ILE B 71 -5.09 -6.85 -10.73
N TYR B 72 -6.29 -7.40 -10.85
CA TYR B 72 -6.91 -7.49 -12.18
C TYR B 72 -7.24 -6.09 -12.70
N LYS B 73 -6.99 -5.87 -13.99
N LYS B 73 -7.00 -5.86 -13.99
CA LYS B 73 -7.22 -4.57 -14.60
CA LYS B 73 -7.23 -4.55 -14.58
C LYS B 73 -8.70 -4.23 -14.72
C LYS B 73 -8.72 -4.22 -14.72
N GLN B 74 -9.52 -5.22 -15.07
CA GLN B 74 -10.94 -4.98 -15.25
C GLN B 74 -11.61 -4.84 -13.91
N SER B 75 -12.42 -3.80 -13.75
CA SER B 75 -13.02 -3.49 -12.46
C SER B 75 -13.83 -4.68 -11.94
N GLN B 76 -14.49 -5.41 -12.83
CA GLN B 76 -15.32 -6.52 -12.39
C GLN B 76 -14.54 -7.64 -11.68
N HIS B 77 -13.24 -7.73 -11.94
CA HIS B 77 -12.41 -8.76 -11.32
C HIS B 77 -11.52 -8.26 -10.20
N MET B 78 -11.63 -6.98 -9.86
CA MET B 78 -10.62 -6.36 -9.02
C MET B 78 -10.57 -6.92 -7.59
N THR B 79 -11.70 -7.39 -7.06
CA THR B 79 -11.66 -7.97 -5.70
C THR B 79 -11.02 -9.37 -5.66
N GLU B 80 -10.80 -9.98 -6.82
CA GLU B 80 -10.20 -11.31 -6.83
C GLU B 80 -8.68 -11.22 -6.70
N VAL B 81 -8.14 -11.92 -5.71
CA VAL B 81 -6.68 -11.86 -5.46
C VAL B 81 -5.93 -12.48 -6.63
N VAL B 82 -4.96 -11.74 -7.17
CA VAL B 82 -4.14 -12.25 -8.26
C VAL B 82 -3.14 -13.27 -7.70
N ARG B 83 -3.18 -14.49 -8.21
CA ARG B 83 -2.25 -15.52 -7.75
C ARG B 83 -1.91 -16.49 -8.87
N ARG B 84 -0.93 -17.33 -8.62
CA ARG B 84 -0.53 -18.31 -9.59
C ARG B 84 -1.55 -19.42 -9.72
N CYS B 85 -1.59 -20.01 -10.90
CA CYS B 85 -2.44 -21.16 -11.16
C CYS B 85 -1.93 -22.39 -10.39
N PRO B 86 -2.79 -23.39 -10.18
CA PRO B 86 -2.39 -24.63 -9.48
C PRO B 86 -1.17 -25.31 -10.08
N HIS B 87 -1.14 -25.41 -11.41
CA HIS B 87 -0.01 -26.05 -12.09
C HIS B 87 1.30 -25.37 -11.69
N HIS B 88 1.37 -24.05 -11.80
CA HIS B 88 2.63 -23.37 -11.54
C HIS B 88 2.93 -23.30 -10.04
N GLU B 89 1.87 -23.15 -9.24
CA GLU B 89 2.00 -23.12 -7.79
C GLU B 89 2.70 -24.36 -7.27
N ARG B 90 2.44 -25.51 -7.92
CA ARG B 90 3.01 -26.78 -7.49
C ARG B 90 4.29 -27.17 -8.23
N CYS B 91 4.69 -26.40 -9.24
CA CYS B 91 5.83 -26.83 -10.03
C CYS B 91 7.13 -26.50 -9.29
N SER B 92 8.24 -27.10 -9.68
CA SER B 92 9.45 -26.92 -8.90
C SER B 92 10.31 -25.76 -9.39
N ASP B 93 9.78 -24.54 -9.30
CA ASP B 93 10.54 -23.39 -9.79
C ASP B 93 10.91 -22.43 -8.68
N SER B 94 10.84 -22.91 -7.44
CA SER B 94 11.16 -22.08 -6.28
C SER B 94 12.58 -21.53 -6.35
N ASP B 95 12.75 -20.26 -6.00
CA ASP B 95 14.09 -19.67 -5.89
C ASP B 95 14.56 -19.67 -4.44
N GLY B 96 13.75 -20.27 -3.57
CA GLY B 96 14.08 -20.35 -2.16
C GLY B 96 13.68 -19.12 -1.35
N LEU B 97 13.21 -18.08 -2.03
CA LEU B 97 12.86 -16.84 -1.35
C LEU B 97 11.38 -16.51 -1.48
N ALA B 98 10.82 -16.73 -2.66
CA ALA B 98 9.45 -16.33 -2.93
C ALA B 98 8.47 -17.43 -2.56
N PRO B 99 7.29 -17.05 -2.05
CA PRO B 99 6.25 -18.05 -1.81
C PRO B 99 5.79 -18.62 -3.14
N PRO B 100 5.43 -19.91 -3.17
CA PRO B 100 5.06 -20.56 -4.41
C PRO B 100 3.80 -19.98 -5.05
N GLN B 101 2.89 -19.41 -4.25
CA GLN B 101 1.66 -18.83 -4.81
C GLN B 101 1.84 -17.45 -5.47
N HIS B 102 2.95 -16.77 -5.18
CA HIS B 102 3.12 -15.39 -5.63
C HIS B 102 3.47 -15.26 -7.10
N LEU B 103 2.70 -14.42 -7.80
CA LEU B 103 2.95 -14.15 -9.21
C LEU B 103 4.22 -13.35 -9.46
N ILE B 104 4.40 -12.29 -8.69
CA ILE B 104 5.53 -11.38 -8.90
C ILE B 104 6.69 -11.68 -7.95
N ARG B 105 7.85 -11.91 -8.55
CA ARG B 105 9.12 -12.05 -7.82
C ARG B 105 10.08 -10.92 -8.14
N VAL B 106 10.98 -10.64 -7.21
CA VAL B 106 12.13 -9.81 -7.50
C VAL B 106 13.38 -10.67 -7.65
N GLU B 107 14.14 -10.40 -8.71
CA GLU B 107 15.35 -11.14 -9.05
C GLU B 107 16.57 -10.35 -8.59
N GLY B 108 17.59 -11.04 -8.11
CA GLY B 108 18.88 -10.43 -7.86
C GLY B 108 18.95 -9.49 -6.66
N ASN B 109 18.07 -9.68 -5.68
CA ASN B 109 18.12 -8.87 -4.48
C ASN B 109 17.86 -9.73 -3.24
N LEU B 110 18.93 -10.03 -2.50
CA LEU B 110 18.77 -10.86 -1.30
C LEU B 110 17.98 -10.18 -0.17
N ARG B 111 17.66 -8.91 -0.33
CA ARG B 111 16.89 -8.22 0.70
C ARG B 111 15.40 -8.17 0.34
N VAL B 112 15.02 -8.93 -0.67
CA VAL B 112 13.62 -9.02 -1.05
C VAL B 112 12.77 -9.55 0.11
N GLU B 113 11.57 -8.98 0.29
CA GLU B 113 10.61 -9.40 1.32
C GLU B 113 9.25 -9.64 0.68
N TYR B 114 8.61 -10.74 1.03
CA TYR B 114 7.30 -11.09 0.49
C TYR B 114 6.23 -11.03 1.56
N LEU B 115 5.06 -10.52 1.19
CA LEU B 115 3.95 -10.42 2.13
C LEU B 115 2.67 -11.14 1.65
N ASP B 116 2.12 -11.97 2.54
CA ASP B 116 0.74 -12.43 2.48
C ASP B 116 -0.07 -11.59 3.45
N ASP B 117 -0.90 -10.67 2.96
CA ASP B 117 -1.63 -9.80 3.89
C ASP B 117 -2.67 -10.62 4.65
N ARG B 118 -2.59 -10.56 5.99
CA ARG B 118 -3.47 -11.38 6.83
C ARG B 118 -4.93 -10.94 6.72
N ASN B 119 -5.16 -9.69 6.34
CA ASN B 119 -6.53 -9.16 6.29
C ASN B 119 -7.13 -9.07 4.88
N THR B 120 -6.33 -8.59 3.93
CA THR B 120 -6.79 -8.43 2.55
C THR B 120 -6.51 -9.64 1.69
N PHE B 121 -5.57 -10.49 2.14
CA PHE B 121 -5.17 -11.72 1.44
C PHE B 121 -4.36 -11.46 0.16
N ARG B 122 -4.06 -10.21 -0.13
CA ARG B 122 -3.26 -9.91 -1.32
C ARG B 122 -1.78 -10.23 -1.12
N HIS B 123 -1.13 -10.62 -2.21
CA HIS B 123 0.31 -10.86 -2.22
C HIS B 123 1.03 -9.59 -2.66
N SER B 124 2.21 -9.37 -2.11
CA SER B 124 3.06 -8.31 -2.63
C SER B 124 4.53 -8.61 -2.32
N VAL B 125 5.40 -7.85 -2.96
CA VAL B 125 6.85 -8.05 -2.82
C VAL B 125 7.55 -6.69 -2.69
N VAL B 126 8.47 -6.62 -1.74
CA VAL B 126 9.09 -5.34 -1.36
C VAL B 126 10.59 -5.42 -1.35
N VAL B 127 11.24 -4.33 -1.77
CA VAL B 127 12.68 -4.20 -1.59
C VAL B 127 12.99 -2.82 -1.02
N PRO B 128 14.11 -2.71 -0.29
CA PRO B 128 14.57 -1.39 0.12
C PRO B 128 14.81 -0.51 -1.09
N TYR B 129 14.43 0.75 -1.01
CA TYR B 129 14.79 1.67 -2.08
C TYR B 129 16.29 1.95 -2.00
N GLU B 130 16.94 1.95 -3.16
CA GLU B 130 18.36 2.30 -3.27
C GLU B 130 18.52 3.34 -4.37
N PRO B 131 19.32 4.39 -4.12
CA PRO B 131 19.55 5.43 -5.14
C PRO B 131 20.29 4.88 -6.34
N PRO B 132 20.25 5.60 -7.48
CA PRO B 132 20.91 5.07 -8.68
C PRO B 132 22.42 4.90 -8.47
N GLU B 133 23.03 3.98 -9.22
CA GLU B 133 24.49 3.86 -9.25
C GLU B 133 25.10 5.13 -9.81
N VAL B 134 26.40 5.29 -9.64
CA VAL B 134 27.09 6.45 -10.19
C VAL B 134 26.93 6.50 -11.71
N GLY B 135 26.65 7.70 -12.23
CA GLY B 135 26.48 7.88 -13.66
C GLY B 135 25.13 7.43 -14.18
N SER B 136 24.24 7.06 -13.26
CA SER B 136 22.91 6.62 -13.65
C SER B 136 21.84 7.56 -13.09
N ASP B 137 20.72 7.65 -13.79
CA ASP B 137 19.66 8.58 -13.41
C ASP B 137 18.45 7.89 -12.80
N CYS B 138 18.50 6.55 -12.70
CA CYS B 138 17.36 5.81 -12.17
C CYS B 138 17.79 4.54 -11.45
N THR B 139 16.87 4.01 -10.66
CA THR B 139 17.07 2.74 -9.98
C THR B 139 16.30 1.63 -10.67
N THR B 140 16.99 0.57 -11.04
CA THR B 140 16.32 -0.55 -11.71
C THR B 140 16.06 -1.71 -10.75
N ILE B 141 14.82 -2.18 -10.79
CA ILE B 141 14.44 -3.40 -10.11
C ILE B 141 14.07 -4.43 -11.16
N HIS B 142 14.57 -5.65 -10.98
CA HIS B 142 14.27 -6.73 -11.91
C HIS B 142 13.15 -7.61 -11.38
N TYR B 143 12.01 -7.52 -12.03
CA TYR B 143 10.86 -8.34 -11.64
C TYR B 143 10.79 -9.59 -12.53
N ASN B 144 10.19 -10.65 -12.00
CA ASN B 144 9.81 -11.82 -12.78
C ASN B 144 8.31 -12.11 -12.57
N TYR B 145 7.60 -12.44 -13.64
CA TYR B 145 6.20 -12.83 -13.55
C TYR B 145 6.11 -14.32 -13.76
N MET B 146 5.54 -15.05 -12.81
CA MET B 146 5.73 -16.49 -12.78
C MET B 146 4.53 -17.33 -13.25
N CYS B 147 3.58 -16.69 -13.91
CA CYS B 147 2.48 -17.34 -14.63
C CYS B 147 2.24 -16.60 -15.93
N ASN B 148 1.76 -17.31 -16.94
CA ASN B 148 1.29 -16.67 -18.17
C ASN B 148 -0.08 -16.04 -17.97
N SER B 149 -0.40 -15.00 -18.75
CA SER B 149 -1.72 -14.39 -18.65
C SER B 149 -2.80 -15.43 -18.95
N SER B 150 -2.47 -16.38 -19.81
CA SER B 150 -3.41 -17.38 -20.25
C SER B 150 -3.57 -18.56 -19.28
N CYS B 151 -2.82 -18.58 -18.18
CA CYS B 151 -2.85 -19.72 -17.26
C CYS B 151 -4.25 -19.96 -16.69
N MET B 152 -4.80 -21.13 -16.92
CA MET B 152 -6.13 -21.40 -16.39
C MET B 152 -6.04 -21.80 -14.93
N GLY B 153 -6.95 -21.27 -14.12
CA GLY B 153 -6.88 -21.49 -12.69
C GLY B 153 -6.14 -20.35 -12.03
N GLY B 154 -5.59 -19.47 -12.85
CA GLY B 154 -4.92 -18.27 -12.37
C GLY B 154 -5.49 -17.03 -13.02
N MET B 155 -4.69 -16.35 -13.82
CA MET B 155 -5.17 -15.11 -14.44
C MET B 155 -6.26 -15.35 -15.52
N ASN B 156 -6.33 -16.56 -16.06
CA ASN B 156 -7.41 -16.93 -16.99
C ASN B 156 -7.64 -15.94 -18.12
N ARG B 157 -6.55 -15.46 -18.73
CA ARG B 157 -6.58 -14.50 -19.83
C ARG B 157 -7.03 -13.11 -19.43
N ARG B 158 -7.19 -12.86 -18.14
CA ARG B 158 -7.55 -11.54 -17.66
C ARG B 158 -6.33 -10.66 -17.52
N PRO B 159 -6.38 -9.44 -18.09
CA PRO B 159 -5.26 -8.52 -17.94
C PRO B 159 -5.08 -8.13 -16.49
N ILE B 160 -3.83 -7.86 -16.11
CA ILE B 160 -3.54 -7.35 -14.78
C ILE B 160 -2.83 -6.01 -14.83
N LEU B 161 -2.85 -5.33 -13.69
CA LEU B 161 -2.06 -4.14 -13.42
C LEU B 161 -1.00 -4.45 -12.40
N THR B 162 0.23 -3.98 -12.60
CA THR B 162 1.18 -4.00 -11.50
C THR B 162 1.15 -2.59 -10.88
N ILE B 163 0.95 -2.52 -9.57
CA ILE B 163 1.00 -1.24 -8.88
C ILE B 163 2.31 -1.13 -8.13
N ILE B 164 3.09 -0.11 -8.42
CA ILE B 164 4.36 0.14 -7.71
C ILE B 164 4.17 1.28 -6.72
N THR B 165 4.40 1.03 -5.44
CA THR B 165 4.31 2.13 -4.47
C THR B 165 5.63 2.36 -3.75
N LEU B 166 5.96 3.63 -3.57
CA LEU B 166 7.12 4.07 -2.83
C LEU B 166 6.64 4.46 -1.42
N GLU B 167 7.18 3.79 -0.40
CA GLU B 167 6.62 3.85 0.96
C GLU B 167 7.66 4.27 1.98
N ASP B 168 7.35 5.24 2.84
CA ASP B 168 8.38 5.67 3.77
C ASP B 168 8.28 4.91 5.10
N SER B 169 9.27 5.11 5.94
CA SER B 169 9.42 4.34 7.17
C SER B 169 8.43 4.72 8.27
N SER B 170 7.60 5.75 8.04
CA SER B 170 6.59 6.13 9.02
C SER B 170 5.17 5.74 8.60
N GLY B 171 5.05 5.12 7.42
CA GLY B 171 3.76 4.62 6.96
C GLY B 171 3.06 5.48 5.91
N ASN B 172 3.72 6.55 5.46
CA ASN B 172 3.13 7.37 4.41
C ASN B 172 3.43 6.81 3.02
N LEU B 173 2.59 7.19 2.07
CA LEU B 173 2.84 6.90 0.66
C LEU B 173 3.62 8.04 0.01
N LEU B 174 4.79 7.74 -0.53
CA LEU B 174 5.62 8.77 -1.16
C LEU B 174 5.31 8.93 -2.64
N GLY B 175 4.79 7.86 -3.24
CA GLY B 175 4.48 7.88 -4.66
C GLY B 175 3.88 6.59 -5.14
N ARG B 176 3.19 6.64 -6.26
CA ARG B 176 2.60 5.44 -6.82
C ARG B 176 2.48 5.55 -8.31
N ASN B 177 2.79 4.46 -8.99
CA ASN B 177 2.55 4.36 -10.41
C ASN B 177 2.12 2.95 -10.75
N SER B 178 1.62 2.76 -11.96
CA SER B 178 1.15 1.43 -12.34
C SER B 178 1.28 1.21 -13.83
N PHE B 179 1.25 -0.06 -14.24
CA PHE B 179 1.28 -0.40 -15.66
C PHE B 179 0.60 -1.75 -15.88
N GLU B 180 -0.04 -1.89 -17.03
CA GLU B 180 -0.69 -3.14 -17.39
C GLU B 180 0.36 -4.21 -17.72
N VAL B 181 0.02 -5.47 -17.52
CA VAL B 181 0.94 -6.55 -17.88
C VAL B 181 0.26 -7.65 -18.67
N ARG B 182 0.94 -8.11 -19.71
CA ARG B 182 0.59 -9.37 -20.34
C ARG B 182 1.83 -10.26 -20.30
N VAL B 183 1.69 -11.41 -19.67
CA VAL B 183 2.78 -12.39 -19.66
C VAL B 183 2.47 -13.41 -20.73
N CYS B 184 3.36 -13.54 -21.73
CA CYS B 184 3.04 -14.33 -22.92
C CYS B 184 4.33 -14.82 -23.59
N ALA B 185 4.19 -15.78 -24.49
CA ALA B 185 5.35 -16.41 -25.12
C ALA B 185 6.02 -15.51 -26.15
N CYS B 186 5.25 -14.61 -26.75
CA CYS B 186 5.75 -13.72 -27.82
C CYS B 186 5.42 -12.25 -27.56
N PRO B 187 6.13 -11.60 -26.62
CA PRO B 187 5.83 -10.22 -26.24
C PRO B 187 5.87 -9.23 -27.41
N GLY B 188 6.85 -9.38 -28.29
CA GLY B 188 7.02 -8.46 -29.40
C GLY B 188 5.82 -8.50 -30.35
N ARG B 189 5.43 -9.70 -30.75
CA ARG B 189 4.32 -9.86 -31.66
C ARG B 189 3.03 -9.38 -31.01
N ASP B 190 2.83 -9.77 -29.76
CA ASP B 190 1.60 -9.42 -29.06
C ASP B 190 1.50 -7.91 -28.84
N ARG B 191 2.62 -7.24 -28.58
CA ARG B 191 2.60 -5.78 -28.48
C ARG B 191 2.15 -5.13 -29.81
N ARG B 192 2.77 -5.52 -30.93
CA ARG B 192 2.33 -4.97 -32.23
C ARG B 192 0.83 -5.21 -32.49
N THR B 193 0.36 -6.41 -32.16
CA THR B 193 -1.04 -6.74 -32.38
C THR B 193 -1.94 -5.82 -31.59
N GLU B 194 -1.66 -5.65 -30.31
CA GLU B 194 -2.53 -4.88 -29.45
C GLU B 194 -2.48 -3.39 -29.82
N GLU B 195 -1.32 -2.93 -30.26
CA GLU B 195 -1.17 -1.52 -30.68
C GLU B 195 -1.88 -1.26 -32.01
N GLU B 196 -2.08 -2.32 -32.79
CA GLU B 196 -2.80 -2.22 -34.06
C GLU B 196 -4.25 -1.80 -33.86
N ASN B 197 -4.82 -2.14 -32.71
CA ASN B 197 -6.18 -1.72 -32.41
C ASN B 197 -6.28 -0.21 -32.26
N LEU B 198 -5.17 0.43 -31.92
CA LEU B 198 -5.06 1.87 -32.08
C LEU B 198 -4.75 2.12 -33.54
N ARG B 199 -5.20 3.24 -34.08
CA ARG B 199 -5.02 3.52 -35.51
C ARG B 199 -5.73 2.47 -36.37
ZN ZN C . 0.42 -20.62 -14.34
#